data_8YSG
#
_entry.id   8YSG
#
_cell.length_a   35.033
_cell.length_b   100.404
_cell.length_c   46.398
_cell.angle_alpha   90.000
_cell.angle_beta   101.621
_cell.angle_gamma   90.000
#
_symmetry.space_group_name_H-M   'P 1 21 1'
#
loop_
_entity.id
_entity.type
_entity.pdbx_description
1 polymer Nucleotidyltransferase
2 non-polymer "GUANOSINE-5'-TRIPHOSPHATE"
3 non-polymer 'MAGNESIUM ION'
4 water water
#
_entity_poly.entity_id   1
_entity_poly.type   'polypeptide(L)'
_entity_poly.pdbx_seq_one_letter_code
;MAPVQKQFREFHDRIKLAQYDENQTLRDERDAVLTAVREGLKKVFADRGEAAPTFTPFNQGSYAMNTGVKPLEGGEYDID
VGIILNIAKDDHDPVEVKKWIRDALKDYGNGAEIRRSCVTVFKPGYHVDLAVYADPELSGGTLCIAKGKENSGDEHRLWQ
ISDPQGFQDRIASKLSGDDAAQFRRCIRYLKRWRDFRFSSDGNAAPLGIGLTAAAYWWFQVSKRTDPVSQNVTYDDRDAL
EQFVQTMLDNFHDTWDSKDQRSYPRLTVELPVQPYNDVFEKMTGMQMESFKSKLQALLNALKTAKSRLELHDACKALADH
FGSEFPVPEKDKSAVHTAPAIVGSGSSG
;
_entity_poly.pdbx_strand_id   A
#
# COMPACT_ATOMS: atom_id res chain seq x y z
N VAL A 4 7.74 -10.04 -24.43
CA VAL A 4 8.27 -8.87 -23.63
C VAL A 4 8.54 -9.28 -22.17
N GLN A 5 8.66 -10.59 -21.85
CA GLN A 5 8.82 -11.14 -20.48
C GLN A 5 10.17 -10.71 -19.90
N LYS A 6 11.29 -10.99 -20.59
CA LYS A 6 12.65 -10.74 -20.04
C LYS A 6 12.78 -9.26 -19.68
N GLN A 7 12.03 -8.40 -20.36
CA GLN A 7 11.98 -6.93 -20.08
C GLN A 7 11.25 -6.71 -18.76
N PHE A 8 10.14 -7.42 -18.52
CA PHE A 8 9.33 -7.31 -17.26
C PHE A 8 10.17 -7.83 -16.09
N ARG A 9 10.94 -8.90 -16.32
CA ARG A 9 11.84 -9.46 -15.29
C ARG A 9 12.97 -8.46 -15.00
N GLU A 10 13.58 -7.85 -16.02
CA GLU A 10 14.56 -6.78 -15.77
C GLU A 10 13.88 -5.65 -14.98
N PHE A 11 12.77 -5.10 -15.51
CA PHE A 11 11.95 -4.07 -14.82
C PHE A 11 11.78 -4.42 -13.34
N HIS A 12 11.33 -5.63 -13.06
CA HIS A 12 11.11 -6.14 -11.68
C HIS A 12 12.39 -5.96 -10.87
N ASP A 13 13.52 -6.44 -11.39
CA ASP A 13 14.83 -6.35 -10.68
C ASP A 13 15.10 -4.89 -10.36
N ARG A 14 14.78 -3.97 -11.28
CA ARG A 14 15.09 -2.54 -11.09
C ARG A 14 14.19 -1.93 -10.03
N ILE A 15 12.96 -2.41 -9.86
CA ILE A 15 11.97 -1.66 -9.05
C ILE A 15 11.83 -2.29 -7.67
N LYS A 16 12.05 -3.60 -7.53
CA LYS A 16 11.78 -4.32 -6.27
C LYS A 16 12.69 -3.73 -5.19
N LEU A 17 12.15 -3.54 -4.00
CA LEU A 17 12.90 -3.09 -2.80
C LEU A 17 12.82 -4.20 -1.76
N ALA A 18 13.97 -4.65 -1.28
CA ALA A 18 14.10 -5.72 -0.26
C ALA A 18 13.22 -5.40 0.97
N GLN A 19 12.40 -6.36 1.39
CA GLN A 19 11.50 -6.29 2.60
C GLN A 19 12.30 -6.02 3.89
N TYR A 20 11.62 -5.64 4.96
CA TYR A 20 12.23 -5.38 6.29
C TYR A 20 13.27 -6.48 6.63
N ASP A 21 12.90 -7.75 6.43
CA ASP A 21 13.73 -8.94 6.78
C ASP A 21 15.08 -8.92 6.03
N GLU A 22 15.12 -8.43 4.77
CA GLU A 22 16.28 -8.55 3.85
C GLU A 22 16.93 -7.17 3.62
N ASN A 23 16.55 -6.15 4.41
CA ASN A 23 16.90 -4.73 4.14
C ASN A 23 17.38 -4.05 5.43
N GLN A 24 18.59 -4.40 5.88
CA GLN A 24 19.26 -3.83 7.09
C GLN A 24 18.87 -2.34 7.25
N THR A 25 19.05 -1.56 6.20
CA THR A 25 19.07 -0.07 6.27
C THR A 25 17.64 0.47 6.52
N LEU A 26 16.60 -0.28 6.17
CA LEU A 26 15.16 0.08 6.39
C LEU A 26 14.75 -0.22 7.83
N ARG A 27 15.26 -1.32 8.41
CA ARG A 27 15.05 -1.68 9.84
C ARG A 27 15.58 -0.55 10.72
N ASP A 28 16.75 -0.01 10.35
CA ASP A 28 17.44 1.09 11.07
C ASP A 28 16.59 2.35 11.05
N GLU A 29 16.11 2.77 9.88
CA GLU A 29 15.26 3.99 9.73
C GLU A 29 13.92 3.76 10.42
N ARG A 30 13.44 2.51 10.50
CA ARG A 30 12.24 2.14 11.31
C ARG A 30 12.58 2.23 12.80
N ASP A 31 13.67 1.59 13.22
CA ASP A 31 14.16 1.57 14.62
C ASP A 31 14.47 3.01 15.05
N ALA A 32 15.12 3.78 14.17
CA ALA A 32 15.47 5.21 14.40
C ALA A 32 14.23 6.00 14.85
N VAL A 33 13.02 5.55 14.50
CA VAL A 33 11.76 6.31 14.75
C VAL A 33 11.08 5.76 16.00
N LEU A 34 11.20 4.45 16.27
CA LEU A 34 10.62 3.81 17.48
C LEU A 34 11.40 4.26 18.71
N THR A 35 12.73 4.16 18.64
CA THR A 35 13.70 4.67 19.64
C THR A 35 13.38 6.14 19.92
N ALA A 36 13.02 6.90 18.88
CA ALA A 36 12.71 8.35 18.93
C ALA A 36 11.35 8.59 19.59
N VAL A 37 10.38 7.70 19.38
CA VAL A 37 9.03 7.75 20.03
C VAL A 37 9.22 7.58 21.54
N ARG A 38 9.72 6.43 21.99
CA ARG A 38 9.89 6.12 23.44
C ARG A 38 10.60 7.30 24.13
N GLU A 39 11.72 7.76 23.56
CA GLU A 39 12.50 8.94 24.05
C GLU A 39 11.60 10.18 24.06
N GLY A 40 10.84 10.39 22.99
CA GLY A 40 9.90 11.51 22.86
C GLY A 40 8.70 11.35 23.79
N LEU A 41 8.39 10.12 24.20
CA LEU A 41 7.22 9.81 25.08
C LEU A 41 7.56 10.15 26.54
N LYS A 42 8.86 10.23 26.87
CA LYS A 42 9.38 10.68 28.20
C LYS A 42 9.22 12.20 28.30
N LYS A 43 9.48 12.88 27.18
CA LYS A 43 9.50 14.36 27.05
C LYS A 43 8.07 14.91 27.00
N VAL A 44 7.06 14.03 27.00
CA VAL A 44 5.62 14.41 26.89
C VAL A 44 4.88 13.87 28.13
N PHE A 45 4.95 12.56 28.38
CA PHE A 45 4.28 11.87 29.51
C PHE A 45 5.18 11.91 30.76
N ALA A 46 5.80 13.07 30.99
CA ALA A 46 6.44 13.48 32.26
C ALA A 46 5.81 14.79 32.71
N ASP A 47 5.67 15.74 31.78
CA ASP A 47 4.88 17.00 31.92
C ASP A 47 3.54 16.69 32.58
N ARG A 48 2.81 15.73 32.02
CA ARG A 48 1.43 15.33 32.43
C ARG A 48 1.34 15.19 33.94
N GLY A 49 2.24 14.41 34.54
CA GLY A 49 2.16 13.94 35.94
C GLY A 49 2.02 12.43 36.01
N GLU A 50 1.49 11.79 34.95
CA GLU A 50 1.32 10.31 34.83
C GLU A 50 2.52 9.66 34.13
N ALA A 51 2.64 8.35 34.27
CA ALA A 51 3.73 7.52 33.72
C ALA A 51 3.52 7.36 32.19
N ALA A 52 4.63 7.19 31.46
CA ALA A 52 4.67 6.96 29.98
C ALA A 52 3.77 5.78 29.61
N PRO A 53 3.02 5.87 28.49
CA PRO A 53 2.39 4.69 27.89
C PRO A 53 3.43 3.88 27.11
N THR A 54 3.36 2.55 27.27
CA THR A 54 4.25 1.55 26.63
C THR A 54 3.51 0.94 25.44
N PHE A 55 4.25 0.63 24.37
CA PHE A 55 3.68 0.18 23.08
C PHE A 55 4.49 -0.97 22.51
N THR A 56 3.77 -1.88 21.86
CA THR A 56 4.32 -2.99 21.05
C THR A 56 4.32 -2.56 19.59
N PRO A 57 5.51 -2.38 18.96
CA PRO A 57 5.58 -2.16 17.53
C PRO A 57 5.49 -3.47 16.73
N PHE A 58 5.15 -3.35 15.45
CA PHE A 58 5.19 -4.46 14.46
C PHE A 58 5.29 -3.87 13.04
N ASN A 59 5.83 -4.65 12.12
CA ASN A 59 5.97 -4.25 10.68
C ASN A 59 4.62 -4.28 9.96
N GLN A 60 4.36 -3.34 9.06
CA GLN A 60 3.11 -3.26 8.27
C GLN A 60 3.41 -3.03 6.79
N GLY A 61 2.39 -3.17 5.94
CA GLY A 61 2.43 -2.72 4.54
C GLY A 61 3.49 -3.43 3.75
N SER A 62 3.85 -2.87 2.59
CA SER A 62 4.46 -3.60 1.45
C SER A 62 5.85 -4.11 1.83
N TYR A 63 6.56 -3.32 2.62
CA TYR A 63 7.91 -3.65 3.14
C TYR A 63 7.82 -4.92 4.03
N ALA A 64 6.67 -5.17 4.69
CA ALA A 64 6.42 -6.38 5.51
C ALA A 64 5.95 -7.56 4.63
N MET A 65 5.25 -7.27 3.53
CA MET A 65 4.62 -8.34 2.69
C MET A 65 5.50 -8.70 1.50
N ASN A 66 6.65 -8.06 1.33
CA ASN A 66 7.57 -8.35 0.19
C ASN A 66 6.93 -7.96 -1.15
N THR A 67 6.23 -6.82 -1.17
CA THR A 67 5.58 -6.20 -2.35
C THR A 67 6.05 -4.75 -2.49
N GLY A 68 7.16 -4.40 -1.86
CA GLY A 68 7.70 -3.04 -1.84
C GLY A 68 8.46 -2.73 -3.11
N VAL A 69 8.39 -1.48 -3.56
CA VAL A 69 9.14 -0.96 -4.71
C VAL A 69 9.98 0.25 -4.26
N LYS A 70 11.04 0.53 -5.00
CA LYS A 70 11.89 1.71 -4.75
C LYS A 70 11.16 2.92 -5.25
N PRO A 71 11.18 4.04 -4.50
CA PRO A 71 10.60 5.28 -4.98
C PRO A 71 11.25 5.73 -6.28
N LEU A 72 10.55 6.58 -7.03
CA LEU A 72 11.11 7.35 -8.17
C LEU A 72 12.02 8.44 -7.60
N GLU A 73 12.60 9.30 -8.43
CA GLU A 73 13.38 10.47 -7.95
C GLU A 73 12.41 11.56 -7.52
N GLY A 74 12.68 12.19 -6.37
CA GLY A 74 11.78 13.16 -5.73
C GLY A 74 10.50 12.51 -5.23
N GLY A 75 10.49 11.17 -5.10
CA GLY A 75 9.50 10.39 -4.32
C GLY A 75 10.04 10.10 -2.94
N GLU A 76 9.36 9.27 -2.16
CA GLU A 76 9.74 8.98 -0.75
C GLU A 76 9.45 7.51 -0.46
N TYR A 77 10.41 6.80 0.15
CA TYR A 77 10.18 5.46 0.75
C TYR A 77 8.98 5.58 1.71
N ASP A 78 8.12 4.57 1.75
CA ASP A 78 6.89 4.59 2.58
C ASP A 78 6.99 3.48 3.63
N ILE A 79 7.61 3.78 4.77
CA ILE A 79 7.86 2.82 5.87
C ILE A 79 6.64 2.79 6.79
N ASP A 80 6.02 1.62 6.90
CA ASP A 80 4.73 1.40 7.60
C ASP A 80 4.99 0.48 8.79
N VAL A 81 4.86 1.00 10.00
CA VAL A 81 4.87 0.24 11.29
C VAL A 81 3.54 0.47 12.00
N GLY A 82 3.04 -0.57 12.66
CA GLY A 82 1.96 -0.45 13.64
C GLY A 82 2.58 -0.29 15.00
N ILE A 83 1.86 0.32 15.94
CA ILE A 83 2.24 0.41 17.39
C ILE A 83 0.98 0.17 18.24
N ILE A 84 1.04 -0.82 19.12
CA ILE A 84 -0.07 -1.19 20.03
C ILE A 84 0.32 -0.68 21.44
N LEU A 85 -0.36 0.37 21.90
CA LEU A 85 -0.21 1.00 23.25
C LEU A 85 -1.11 0.25 24.23
N ASN A 86 -0.68 0.13 25.49
CA ASN A 86 -1.46 -0.55 26.56
C ASN A 86 -2.42 0.48 27.16
N ILE A 87 -3.61 0.61 26.55
CA ILE A 87 -4.72 1.53 26.96
C ILE A 87 -6.04 0.87 26.58
N ALA A 88 -7.15 1.32 27.16
CA ALA A 88 -8.51 0.85 26.82
C ALA A 88 -9.09 1.77 25.74
N LYS A 89 -9.73 1.19 24.72
CA LYS A 89 -10.28 1.94 23.57
C LYS A 89 -11.46 2.81 24.04
N ASP A 90 -12.12 2.44 25.14
CA ASP A 90 -13.35 3.11 25.61
C ASP A 90 -13.02 4.18 26.67
N ASP A 91 -11.73 4.51 26.86
CA ASP A 91 -11.22 5.46 27.89
C ASP A 91 -10.64 6.71 27.23
N HIS A 92 -9.78 6.53 26.23
CA HIS A 92 -9.08 7.63 25.53
C HIS A 92 -9.76 7.92 24.18
N ASP A 93 -9.34 9.02 23.54
CA ASP A 93 -9.86 9.52 22.26
C ASP A 93 -8.83 9.23 21.15
N PRO A 94 -9.27 8.66 20.02
CA PRO A 94 -8.34 8.26 18.94
C PRO A 94 -7.30 9.31 18.53
N VAL A 95 -7.72 10.57 18.35
CA VAL A 95 -6.85 11.65 17.81
C VAL A 95 -5.90 12.07 18.93
N GLU A 96 -6.46 12.26 20.13
CA GLU A 96 -5.67 12.55 21.36
C GLU A 96 -4.44 11.65 21.33
N VAL A 97 -4.68 10.34 21.21
CA VAL A 97 -3.64 9.27 21.30
C VAL A 97 -2.64 9.50 20.16
N LYS A 98 -3.13 9.84 18.97
CA LYS A 98 -2.27 10.20 17.81
C LYS A 98 -1.49 11.48 18.13
N LYS A 99 -2.15 12.49 18.73
CA LYS A 99 -1.52 13.76 19.21
C LYS A 99 -0.28 13.41 20.03
N TRP A 100 -0.41 12.47 20.98
CA TRP A 100 0.73 11.97 21.78
C TRP A 100 1.91 11.76 20.82
N ILE A 101 1.70 10.94 19.77
CA ILE A 101 2.79 10.42 18.88
C ILE A 101 3.47 11.58 18.16
N ARG A 102 2.71 12.59 17.72
CA ARG A 102 3.23 13.72 16.88
C ARG A 102 4.21 14.56 17.69
N ASP A 103 3.74 15.03 18.85
CA ASP A 103 4.51 15.90 19.76
C ASP A 103 5.82 15.19 20.12
N ALA A 104 5.73 13.89 20.44
CA ALA A 104 6.87 12.99 20.70
C ALA A 104 7.91 13.12 19.57
N LEU A 105 7.45 13.16 18.32
CA LEU A 105 8.31 13.16 17.10
C LEU A 105 8.41 14.56 16.49
N LYS A 106 7.75 15.56 17.09
CA LYS A 106 7.90 17.00 16.76
C LYS A 106 9.34 17.28 16.28
N ASP A 107 10.33 17.19 17.19
CA ASP A 107 11.74 17.58 16.96
C ASP A 107 12.38 16.58 16.00
N TYR A 108 11.63 15.56 15.56
CA TYR A 108 12.08 14.53 14.60
C TYR A 108 11.98 15.06 13.17
N GLY A 109 13.05 14.88 12.40
CA GLY A 109 13.13 15.13 10.94
C GLY A 109 12.57 16.49 10.56
N ASN A 110 11.55 16.50 9.69
CA ASN A 110 10.84 17.72 9.22
C ASN A 110 9.46 17.79 9.88
N GLY A 111 9.27 17.07 10.99
CA GLY A 111 8.05 17.10 11.81
C GLY A 111 7.07 16.02 11.43
N ALA A 112 5.86 16.07 11.97
CA ALA A 112 4.88 14.96 12.00
C ALA A 112 3.46 15.49 11.87
N GLU A 113 2.63 14.82 11.06
CA GLU A 113 1.24 15.21 10.72
C GLU A 113 0.31 14.08 11.17
N ILE A 114 -0.87 14.40 11.69
CA ILE A 114 -1.92 13.38 12.00
C ILE A 114 -2.79 13.15 10.78
N ARG A 115 -2.83 11.90 10.31
CA ARG A 115 -3.68 11.41 9.19
C ARG A 115 -4.79 10.52 9.76
N ARG A 116 -5.81 10.26 8.93
CA ARG A 116 -7.07 9.55 9.27
C ARG A 116 -6.79 8.18 9.92
N SER A 117 -5.72 7.52 9.49
CA SER A 117 -5.47 6.09 9.77
C SER A 117 -4.07 5.91 10.32
N CYS A 118 -3.33 6.99 10.50
CA CYS A 118 -1.95 6.95 11.04
C CYS A 118 -1.44 8.36 11.31
N VAL A 119 -0.39 8.45 12.14
CA VAL A 119 0.57 9.59 12.24
C VAL A 119 1.65 9.35 11.21
N THR A 120 1.78 10.26 10.22
CA THR A 120 2.95 10.34 9.31
C THR A 120 4.00 11.25 9.92
N VAL A 121 5.27 10.92 9.71
CA VAL A 121 6.47 11.73 10.12
C VAL A 121 7.48 11.64 8.97
N PHE A 122 8.27 12.70 8.78
CA PHE A 122 9.08 12.95 7.55
C PHE A 122 10.58 12.90 7.88
N LYS A 123 11.41 12.88 6.84
CA LYS A 123 12.89 12.79 6.93
C LYS A 123 13.49 12.84 5.53
N PRO A 124 14.84 12.81 5.40
CA PRO A 124 15.47 12.86 4.09
C PRO A 124 15.04 11.68 3.19
N GLY A 125 14.18 11.96 2.21
CA GLY A 125 13.85 11.02 1.11
C GLY A 125 12.99 9.84 1.55
N TYR A 126 12.31 9.94 2.70
CA TYR A 126 11.29 8.96 3.13
C TYR A 126 10.37 9.57 4.17
N HIS A 127 9.35 8.82 4.55
CA HIS A 127 8.41 9.12 5.66
C HIS A 127 8.07 7.80 6.36
N VAL A 128 7.67 7.86 7.64
CA VAL A 128 7.11 6.69 8.38
C VAL A 128 5.65 6.99 8.64
N ASP A 129 4.75 6.07 8.25
CA ASP A 129 3.35 6.03 8.72
C ASP A 129 3.27 5.07 9.92
N LEU A 130 2.82 5.56 11.07
CA LEU A 130 2.64 4.78 12.33
C LEU A 130 1.15 4.64 12.62
N ALA A 131 0.58 3.48 12.31
CA ALA A 131 -0.76 3.08 12.74
C ALA A 131 -0.68 2.82 14.25
N VAL A 132 -1.68 3.32 14.97
CA VAL A 132 -1.74 3.40 16.46
C VAL A 132 -2.95 2.58 16.88
N TYR A 133 -2.75 1.52 17.67
CA TYR A 133 -3.86 0.61 18.07
C TYR A 133 -4.08 0.66 19.60
N ALA A 134 -5.32 0.44 20.03
CA ALA A 134 -5.69 0.12 21.43
C ALA A 134 -5.43 -1.37 21.74
N ASP A 135 -4.77 -1.64 22.87
CA ASP A 135 -4.52 -2.99 23.44
C ASP A 135 -5.77 -3.85 23.33
N PRO A 136 -5.69 -5.03 22.68
CA PRO A 136 -6.83 -5.95 22.62
C PRO A 136 -7.30 -6.48 23.99
N GLU A 137 -6.39 -6.53 24.97
CA GLU A 137 -6.63 -7.12 26.33
C GLU A 137 -7.51 -6.15 27.11
N LEU A 138 -7.14 -4.86 27.11
CA LEU A 138 -7.87 -3.75 27.80
C LEU A 138 -9.12 -3.33 27.02
N SER A 139 -9.35 -3.88 25.80
CA SER A 139 -10.32 -3.36 24.79
C SER A 139 -11.31 -4.42 24.34
N GLY A 140 -11.32 -5.59 25.00
CA GLY A 140 -12.40 -6.59 24.86
C GLY A 140 -12.07 -7.67 23.86
N GLY A 141 -10.80 -7.79 23.46
CA GLY A 141 -10.27 -8.90 22.64
C GLY A 141 -10.10 -8.55 21.18
N THR A 142 -10.61 -7.40 20.73
CA THR A 142 -10.49 -6.91 19.32
C THR A 142 -9.37 -5.87 19.26
N LEU A 143 -8.43 -6.04 18.33
CA LEU A 143 -7.40 -5.03 17.97
C LEU A 143 -8.13 -3.89 17.26
N CYS A 144 -7.88 -2.66 17.69
CA CYS A 144 -8.68 -1.48 17.23
C CYS A 144 -7.72 -0.36 16.83
N ILE A 145 -7.84 0.10 15.59
CA ILE A 145 -7.00 1.21 15.05
C ILE A 145 -7.71 2.54 15.33
N ALA A 146 -6.93 3.58 15.59
CA ALA A 146 -7.40 4.95 15.86
C ALA A 146 -7.70 5.63 14.52
N LYS A 147 -8.98 5.87 14.21
CA LYS A 147 -9.39 6.61 12.99
C LYS A 147 -9.85 8.02 13.37
N GLY A 148 -9.48 9.02 12.55
CA GLY A 148 -9.91 10.44 12.65
C GLY A 148 -8.73 11.38 12.56
N LYS A 149 -8.91 12.56 11.96
CA LYS A 149 -7.90 13.65 11.86
C LYS A 149 -8.27 14.77 12.85
N GLU A 150 -7.31 15.64 13.18
CA GLU A 150 -7.51 16.80 14.11
C GLU A 150 -8.70 17.63 13.65
N ASN A 151 -8.90 17.73 12.33
CA ASN A 151 -9.87 18.65 11.66
C ASN A 151 -11.24 17.96 11.49
N SER A 152 -11.36 16.68 11.88
CA SER A 152 -12.53 15.82 11.57
C SER A 152 -13.57 15.90 12.69
N GLY A 153 -14.80 15.47 12.42
CA GLY A 153 -15.91 15.47 13.39
C GLY A 153 -15.70 14.40 14.45
N ASP A 154 -16.78 13.92 15.07
CA ASP A 154 -16.74 12.80 16.05
C ASP A 154 -17.36 11.53 15.42
N GLU A 155 -18.33 11.68 14.52
CA GLU A 155 -18.87 10.56 13.69
C GLU A 155 -17.71 9.76 13.09
N HIS A 156 -16.63 10.42 12.65
CA HIS A 156 -15.48 9.80 11.93
C HIS A 156 -14.24 9.76 12.84
N ARG A 157 -14.42 10.06 14.14
CA ARG A 157 -13.51 9.60 15.23
C ARG A 157 -14.01 8.22 15.70
N LEU A 158 -13.24 7.17 15.39
CA LEU A 158 -13.63 5.74 15.62
C LEU A 158 -12.51 5.03 16.37
N TRP A 159 -12.83 3.88 16.96
CA TRP A 159 -11.86 2.78 17.22
C TRP A 159 -12.31 1.60 16.38
N GLN A 160 -11.77 1.44 15.17
CA GLN A 160 -12.25 0.42 14.20
C GLN A 160 -11.50 -0.92 14.39
N ILE A 161 -12.24 -2.01 14.43
CA ILE A 161 -11.73 -3.41 14.39
C ILE A 161 -10.79 -3.59 13.17
N SER A 162 -9.51 -3.90 13.40
CA SER A 162 -8.42 -4.06 12.40
C SER A 162 -7.82 -5.48 12.42
N ASP A 163 -7.19 -5.88 11.31
CA ASP A 163 -6.44 -7.16 11.16
C ASP A 163 -5.32 -6.95 10.14
N PRO A 164 -4.40 -6.02 10.43
CA PRO A 164 -3.19 -5.85 9.63
C PRO A 164 -2.39 -7.15 9.40
N GLN A 165 -2.23 -7.99 10.42
CA GLN A 165 -1.40 -9.22 10.34
C GLN A 165 -2.19 -10.27 9.51
N GLY A 166 -3.50 -10.38 9.75
CA GLY A 166 -4.45 -11.11 8.90
C GLY A 166 -4.31 -10.76 7.41
N PHE A 167 -4.24 -9.48 7.07
CA PHE A 167 -4.16 -9.03 5.65
C PHE A 167 -2.79 -9.43 5.07
N GLN A 168 -1.72 -9.19 5.82
CA GLN A 168 -0.35 -9.51 5.36
C GLN A 168 -0.31 -11.01 5.05
N ASP A 169 -1.05 -11.75 5.86
CA ASP A 169 -1.19 -13.21 5.85
C ASP A 169 -1.91 -13.71 4.61
N ARG A 170 -3.05 -13.10 4.26
CA ARG A 170 -3.80 -13.47 3.03
C ARG A 170 -2.87 -13.28 1.83
N ILE A 171 -2.11 -12.20 1.77
CA ILE A 171 -1.25 -11.87 0.60
C ILE A 171 -0.15 -12.95 0.51
N ALA A 172 0.52 -13.26 1.62
CA ALA A 172 1.57 -14.33 1.70
C ALA A 172 0.99 -15.71 1.35
N SER A 173 -0.28 -15.95 1.67
CA SER A 173 -0.91 -17.30 1.58
C SER A 173 -1.50 -17.56 0.20
N LYS A 174 -1.70 -16.53 -0.62
CA LYS A 174 -2.57 -16.63 -1.82
C LYS A 174 -2.11 -17.83 -2.66
N LEU A 175 -0.87 -17.81 -3.10
CA LEU A 175 -0.26 -18.91 -3.87
C LEU A 175 1.06 -19.24 -3.21
N SER A 176 1.90 -20.02 -3.90
CA SER A 176 3.18 -20.58 -3.41
C SER A 176 4.19 -20.64 -4.56
N GLY A 177 5.47 -20.78 -4.22
CA GLY A 177 6.60 -20.82 -5.17
C GLY A 177 6.52 -19.69 -6.19
N ASP A 178 6.33 -20.06 -7.47
CA ASP A 178 6.58 -19.20 -8.65
C ASP A 178 5.24 -18.62 -9.15
N ASP A 179 4.13 -19.23 -8.77
CA ASP A 179 2.78 -18.64 -8.98
C ASP A 179 2.64 -17.43 -8.03
N ALA A 180 3.14 -17.55 -6.80
CA ALA A 180 3.17 -16.48 -5.78
C ALA A 180 4.13 -15.40 -6.25
N ALA A 181 5.33 -15.83 -6.68
CA ALA A 181 6.38 -14.93 -7.20
C ALA A 181 5.81 -14.09 -8.34
N GLN A 182 4.94 -14.63 -9.19
CA GLN A 182 4.36 -13.87 -10.32
C GLN A 182 3.41 -12.83 -9.75
N PHE A 183 2.57 -13.26 -8.80
CA PHE A 183 1.61 -12.41 -8.09
C PHE A 183 2.35 -11.22 -7.50
N ARG A 184 3.47 -11.46 -6.80
CA ARG A 184 4.23 -10.38 -6.14
C ARG A 184 4.84 -9.45 -7.19
N ARG A 185 5.38 -9.97 -8.30
CA ARG A 185 5.96 -9.12 -9.35
C ARG A 185 4.87 -8.19 -9.91
N CYS A 186 3.66 -8.67 -10.05
CA CYS A 186 2.57 -7.91 -10.72
C CYS A 186 2.07 -6.76 -9.81
N ILE A 187 1.98 -6.98 -8.50
CA ILE A 187 1.71 -5.93 -7.48
C ILE A 187 2.79 -4.82 -7.63
N ARG A 188 4.08 -5.19 -7.70
CA ARG A 188 5.20 -4.21 -7.77
C ARG A 188 5.10 -3.41 -9.07
N TYR A 189 4.87 -4.07 -10.21
CA TYR A 189 4.65 -3.41 -11.52
C TYR A 189 3.59 -2.31 -11.40
N LEU A 190 2.45 -2.62 -10.78
CA LEU A 190 1.32 -1.66 -10.69
C LEU A 190 1.62 -0.57 -9.63
N LYS A 191 2.43 -0.85 -8.63
CA LYS A 191 2.89 0.17 -7.67
C LYS A 191 3.76 1.21 -8.37
N ARG A 192 4.74 0.78 -9.17
CA ARG A 192 5.61 1.73 -9.92
C ARG A 192 4.72 2.53 -10.88
N TRP A 193 3.76 1.87 -11.54
CA TRP A 193 2.72 2.54 -12.38
C TRP A 193 2.01 3.61 -11.53
N ARG A 194 1.57 3.29 -10.33
CA ARG A 194 0.90 4.24 -9.39
C ARG A 194 1.85 5.43 -9.10
N ASP A 195 3.12 5.10 -8.84
CA ASP A 195 4.16 6.07 -8.41
C ASP A 195 4.48 6.99 -9.58
N PHE A 196 4.38 6.45 -10.79
CA PHE A 196 4.70 7.20 -12.02
C PHE A 196 3.56 8.12 -12.45
N ARG A 197 2.27 7.70 -12.30
CA ARG A 197 1.15 8.35 -13.06
C ARG A 197 0.08 8.86 -12.12
N PHE A 198 0.33 8.75 -10.81
CA PHE A 198 -0.36 9.48 -9.72
C PHE A 198 0.72 10.08 -8.82
N PRO A 206 -5.07 5.15 -6.44
CA PRO A 206 -5.13 3.71 -6.40
C PRO A 206 -4.26 3.19 -5.25
N LEU A 207 -4.48 3.74 -4.04
CA LEU A 207 -3.81 3.34 -2.78
C LEU A 207 -3.24 1.93 -2.97
N GLY A 208 -1.95 1.73 -2.67
CA GLY A 208 -1.22 0.47 -2.99
C GLY A 208 -1.91 -0.73 -2.40
N ILE A 209 -2.52 -0.55 -1.22
CA ILE A 209 -3.48 -1.49 -0.54
C ILE A 209 -4.63 -1.84 -1.49
N GLY A 210 -5.22 -0.83 -2.15
CA GLY A 210 -6.25 -0.99 -3.19
C GLY A 210 -5.86 -2.02 -4.23
N LEU A 211 -4.70 -1.83 -4.87
CA LEU A 211 -4.22 -2.73 -5.94
C LEU A 211 -3.88 -4.08 -5.32
N THR A 212 -3.34 -4.10 -4.10
CA THR A 212 -2.95 -5.34 -3.38
C THR A 212 -4.20 -6.13 -3.05
N ALA A 213 -5.22 -5.51 -2.49
CA ALA A 213 -6.51 -6.18 -2.21
C ALA A 213 -7.10 -6.64 -3.56
N ALA A 214 -7.12 -5.76 -4.55
CA ALA A 214 -7.66 -6.08 -5.89
C ALA A 214 -7.03 -7.39 -6.37
N ALA A 215 -5.70 -7.50 -6.29
CA ALA A 215 -4.92 -8.64 -6.82
C ALA A 215 -5.27 -9.90 -6.02
N TYR A 216 -5.37 -9.78 -4.71
CA TYR A 216 -5.78 -10.92 -3.85
C TYR A 216 -7.07 -11.54 -4.42
N TRP A 217 -8.04 -10.70 -4.75
CA TRP A 217 -9.37 -11.15 -5.25
C TRP A 217 -9.24 -11.64 -6.69
N TRP A 218 -8.61 -10.87 -7.58
CA TRP A 218 -8.85 -11.02 -9.04
C TRP A 218 -7.62 -11.57 -9.77
N PHE A 219 -6.42 -11.45 -9.22
CA PHE A 219 -5.19 -11.81 -9.95
C PHE A 219 -5.28 -13.27 -10.34
N GLN A 220 -5.00 -13.60 -11.60
CA GLN A 220 -4.81 -15.01 -12.06
C GLN A 220 -3.43 -15.16 -12.69
N VAL A 221 -2.73 -16.24 -12.31
CA VAL A 221 -1.41 -16.62 -12.85
C VAL A 221 -1.55 -16.82 -14.37
N SER A 222 -0.59 -16.31 -15.14
CA SER A 222 -0.46 -16.55 -16.60
C SER A 222 0.87 -17.25 -16.84
N LYS A 223 0.80 -18.58 -17.02
CA LYS A 223 1.95 -19.45 -17.35
C LYS A 223 1.58 -20.41 -18.49
N ARG A 224 2.61 -20.94 -19.17
CA ARG A 224 2.57 -22.11 -20.11
C ARG A 224 3.50 -23.21 -19.56
N THR A 225 2.94 -24.40 -19.29
CA THR A 225 3.65 -25.54 -18.66
C THR A 225 3.96 -26.58 -19.75
N ASP A 226 5.24 -26.86 -20.00
CA ASP A 226 5.68 -27.85 -21.03
C ASP A 226 5.46 -29.25 -20.48
N PRO A 227 4.42 -29.99 -20.96
CA PRO A 227 4.05 -31.27 -20.37
C PRO A 227 5.19 -32.28 -20.51
N VAL A 228 5.89 -32.19 -21.66
CA VAL A 228 7.05 -33.05 -22.04
C VAL A 228 8.26 -32.68 -21.17
N SER A 229 8.62 -31.40 -21.10
CA SER A 229 9.85 -30.92 -20.43
C SER A 229 9.60 -30.62 -18.95
N GLN A 230 8.31 -30.51 -18.57
CA GLN A 230 7.83 -30.16 -17.20
C GLN A 230 8.49 -28.85 -16.73
N ASN A 231 8.82 -27.97 -17.67
CA ASN A 231 9.43 -26.65 -17.43
C ASN A 231 8.34 -25.62 -17.74
N VAL A 232 8.04 -24.75 -16.77
CA VAL A 232 6.92 -23.77 -16.84
C VAL A 232 7.51 -22.43 -17.29
N THR A 233 6.70 -21.58 -17.92
CA THR A 233 7.09 -20.23 -18.42
C THR A 233 5.97 -19.21 -18.12
N TYR A 234 6.31 -18.12 -17.44
CA TYR A 234 5.34 -17.11 -16.92
C TYR A 234 5.15 -16.01 -17.96
N ASP A 235 3.91 -15.59 -18.17
CA ASP A 235 3.56 -14.42 -18.98
C ASP A 235 3.15 -13.30 -18.02
N ASP A 236 4.09 -12.44 -17.64
CA ASP A 236 3.81 -11.31 -16.70
C ASP A 236 2.91 -10.29 -17.43
N ARG A 237 3.14 -10.10 -18.73
CA ARG A 237 2.38 -9.15 -19.57
C ARG A 237 0.91 -9.57 -19.55
N ASP A 238 0.64 -10.82 -19.85
CA ASP A 238 -0.74 -11.32 -20.04
C ASP A 238 -1.44 -11.33 -18.68
N ALA A 239 -0.71 -11.75 -17.64
CA ALA A 239 -1.17 -11.80 -16.23
C ALA A 239 -1.67 -10.42 -15.82
N LEU A 240 -0.96 -9.35 -16.18
CA LEU A 240 -1.37 -7.95 -15.88
C LEU A 240 -2.58 -7.53 -16.73
N GLU A 241 -2.58 -7.84 -18.03
CA GLU A 241 -3.70 -7.49 -18.92
C GLU A 241 -4.98 -8.11 -18.34
N GLN A 242 -4.95 -9.41 -18.02
CA GLN A 242 -6.14 -10.12 -17.47
C GLN A 242 -6.59 -9.46 -16.16
N PHE A 243 -5.64 -9.08 -15.30
CA PHE A 243 -5.94 -8.57 -13.95
C PHE A 243 -6.54 -7.19 -14.13
N VAL A 244 -5.90 -6.37 -14.96
CA VAL A 244 -6.32 -4.95 -15.19
C VAL A 244 -7.69 -4.92 -15.87
N GLN A 245 -7.95 -5.86 -16.77
CA GLN A 245 -9.25 -5.97 -17.47
C GLN A 245 -10.32 -6.27 -16.40
N THR A 246 -10.06 -7.26 -15.54
CA THR A 246 -10.99 -7.69 -14.48
C THR A 246 -11.31 -6.48 -13.62
N MET A 247 -10.29 -5.71 -13.24
CA MET A 247 -10.50 -4.48 -12.43
C MET A 247 -11.39 -3.50 -13.20
N LEU A 248 -11.04 -3.15 -14.44
CA LEU A 248 -11.84 -2.18 -15.24
C LEU A 248 -13.29 -2.70 -15.30
N ASP A 249 -13.46 -3.97 -15.69
CA ASP A 249 -14.74 -4.68 -15.80
C ASP A 249 -15.58 -4.43 -14.54
N ASN A 250 -14.95 -4.45 -13.37
CA ASN A 250 -15.67 -4.42 -12.06
C ASN A 250 -16.05 -2.99 -11.66
N PHE A 251 -15.72 -1.99 -12.48
CA PHE A 251 -16.20 -0.59 -12.29
C PHE A 251 -17.72 -0.59 -12.57
N HIS A 252 -18.47 0.23 -11.85
CA HIS A 252 -19.94 0.40 -11.99
C HIS A 252 -20.22 1.91 -11.96
N ASP A 253 -21.03 2.42 -12.87
CA ASP A 253 -21.36 3.87 -12.92
C ASP A 253 -22.14 4.20 -11.66
N THR A 254 -21.84 5.33 -11.04
CA THR A 254 -22.29 5.66 -9.67
C THR A 254 -22.70 7.13 -9.60
N TRP A 255 -24.01 7.36 -9.55
CA TRP A 255 -24.60 8.71 -9.48
C TRP A 255 -24.05 9.41 -8.25
N ASP A 256 -23.59 10.65 -8.40
CA ASP A 256 -23.39 11.63 -7.31
C ASP A 256 -24.48 12.70 -7.45
N SER A 257 -25.35 12.85 -6.44
CA SER A 257 -26.53 13.74 -6.44
C SER A 257 -26.08 15.17 -6.14
N LYS A 258 -25.11 15.34 -5.25
CA LYS A 258 -24.40 16.63 -5.04
C LYS A 258 -24.00 17.16 -6.41
N ASP A 259 -23.26 16.38 -7.18
CA ASP A 259 -22.57 16.88 -8.40
C ASP A 259 -23.54 16.78 -9.56
N GLN A 260 -24.74 16.22 -9.32
CA GLN A 260 -25.73 15.84 -10.38
C GLN A 260 -24.97 15.25 -11.58
N ARG A 261 -24.04 14.34 -11.34
CA ARG A 261 -23.33 13.62 -12.42
C ARG A 261 -23.02 12.19 -11.96
N SER A 262 -22.91 11.28 -12.93
CA SER A 262 -22.42 9.89 -12.78
C SER A 262 -20.87 9.86 -12.81
N TYR A 263 -20.24 9.16 -11.87
CA TYR A 263 -18.79 8.85 -11.86
C TYR A 263 -18.62 7.34 -11.85
N PRO A 264 -17.72 6.74 -12.67
CA PRO A 264 -17.42 5.32 -12.54
C PRO A 264 -16.71 5.12 -11.19
N ARG A 265 -16.75 3.93 -10.63
CA ARG A 265 -16.26 3.66 -9.25
C ARG A 265 -15.95 2.17 -9.14
N LEU A 266 -14.80 1.82 -8.58
CA LEU A 266 -14.39 0.42 -8.31
C LEU A 266 -14.47 0.18 -6.81
N THR A 267 -15.17 -0.86 -6.40
CA THR A 267 -15.32 -1.24 -4.97
C THR A 267 -14.43 -2.46 -4.70
N VAL A 268 -13.53 -2.38 -3.73
CA VAL A 268 -12.65 -3.52 -3.35
C VAL A 268 -12.68 -3.70 -1.84
N GLU A 269 -13.42 -4.68 -1.37
CA GLU A 269 -13.52 -5.01 0.07
C GLU A 269 -12.22 -5.66 0.51
N LEU A 270 -11.69 -5.15 1.59
CA LEU A 270 -10.58 -5.79 2.33
C LEU A 270 -11.03 -7.22 2.67
N PRO A 271 -10.21 -8.27 2.42
CA PRO A 271 -10.56 -9.63 2.83
C PRO A 271 -10.41 -9.96 4.33
N VAL A 272 -10.12 -8.95 5.14
CA VAL A 272 -10.08 -9.06 6.63
C VAL A 272 -10.87 -7.88 7.18
N GLN A 273 -11.09 -7.83 8.49
CA GLN A 273 -11.83 -6.74 9.19
C GLN A 273 -11.15 -5.39 8.96
N PRO A 274 -11.92 -4.29 8.76
CA PRO A 274 -13.38 -4.30 8.79
C PRO A 274 -14.13 -4.66 7.49
N TYR A 275 -13.45 -5.18 6.49
CA TYR A 275 -14.05 -5.48 5.16
C TYR A 275 -14.59 -4.18 4.53
N ASN A 276 -13.96 -3.04 4.79
CA ASN A 276 -14.36 -1.78 4.09
C ASN A 276 -13.94 -1.87 2.61
N ASP A 277 -14.60 -1.08 1.78
CA ASP A 277 -14.16 -0.72 0.42
C ASP A 277 -12.91 0.13 0.61
N VAL A 278 -11.76 -0.38 0.19
CA VAL A 278 -10.48 0.32 0.45
C VAL A 278 -10.54 1.64 -0.34
N PHE A 279 -11.27 1.65 -1.44
CA PHE A 279 -11.30 2.76 -2.42
C PHE A 279 -12.36 3.80 -2.02
N GLU A 280 -12.96 3.68 -0.83
CA GLU A 280 -14.21 4.40 -0.48
C GLU A 280 -13.93 5.88 -0.22
N LYS A 281 -12.67 6.28 0.00
CA LYS A 281 -12.30 7.69 0.35
C LYS A 281 -11.72 8.40 -0.88
N MET A 282 -11.68 7.72 -2.03
CA MET A 282 -11.46 8.36 -3.35
C MET A 282 -12.78 9.01 -3.82
N THR A 283 -12.82 10.34 -3.92
CA THR A 283 -13.94 11.09 -4.55
C THR A 283 -14.19 10.51 -5.94
N GLY A 284 -15.41 10.68 -6.47
CA GLY A 284 -15.85 10.16 -7.78
C GLY A 284 -15.06 10.80 -8.90
N MET A 285 -14.63 12.05 -8.69
CA MET A 285 -13.57 12.72 -9.48
C MET A 285 -12.31 11.83 -9.42
N GLN A 286 -11.70 11.65 -8.23
CA GLN A 286 -10.44 10.84 -8.09
C GLN A 286 -10.64 9.53 -8.86
N MET A 287 -11.84 8.96 -8.79
CA MET A 287 -12.17 7.58 -9.27
C MET A 287 -12.15 7.51 -10.80
N GLU A 288 -12.63 8.54 -11.51
CA GLU A 288 -12.74 8.54 -13.00
C GLU A 288 -11.34 8.70 -13.61
N SER A 289 -10.46 9.50 -13.01
CA SER A 289 -9.09 9.69 -13.56
C SER A 289 -8.25 8.44 -13.22
N PHE A 290 -8.56 7.71 -12.13
CA PHE A 290 -8.01 6.35 -11.84
C PHE A 290 -8.41 5.35 -12.97
N LYS A 291 -9.66 5.35 -13.43
CA LYS A 291 -10.12 4.38 -14.48
C LYS A 291 -9.57 4.81 -15.85
N SER A 292 -9.37 6.13 -16.02
CA SER A 292 -8.79 6.71 -17.25
C SER A 292 -7.39 6.11 -17.40
N LYS A 293 -6.58 6.23 -16.37
CA LYS A 293 -5.16 5.78 -16.40
C LYS A 293 -5.13 4.25 -16.54
N LEU A 294 -6.08 3.53 -15.91
CA LEU A 294 -6.13 2.04 -15.92
C LEU A 294 -6.40 1.58 -17.34
N GLN A 295 -7.33 2.26 -18.01
CA GLN A 295 -7.70 1.97 -19.42
C GLN A 295 -6.48 2.29 -20.31
N ALA A 296 -5.83 3.44 -20.09
CA ALA A 296 -4.60 3.79 -20.84
C ALA A 296 -3.56 2.67 -20.62
N LEU A 297 -3.34 2.25 -19.36
CA LEU A 297 -2.37 1.17 -19.05
C LEU A 297 -2.77 -0.09 -19.81
N LEU A 298 -4.06 -0.40 -19.90
CA LEU A 298 -4.49 -1.71 -20.47
C LEU A 298 -4.28 -1.69 -21.98
N ASN A 299 -4.52 -0.55 -22.64
CA ASN A 299 -4.37 -0.44 -24.12
C ASN A 299 -2.90 -0.78 -24.45
N ALA A 300 -1.96 -0.14 -23.75
CA ALA A 300 -0.50 -0.40 -23.88
C ALA A 300 -0.21 -1.90 -23.73
N LEU A 301 -0.80 -2.59 -22.75
CA LEU A 301 -0.49 -4.02 -22.47
C LEU A 301 -0.95 -4.89 -23.64
N LYS A 302 -2.09 -4.56 -24.26
CA LYS A 302 -2.62 -5.31 -25.43
C LYS A 302 -1.65 -5.12 -26.60
N THR A 303 -1.40 -3.85 -26.95
CA THR A 303 -0.41 -3.37 -27.94
C THR A 303 0.85 -4.23 -27.92
N ALA A 304 1.43 -4.50 -26.73
CA ALA A 304 2.79 -5.09 -26.54
C ALA A 304 2.79 -6.59 -26.88
N LYS A 305 1.61 -7.24 -26.94
CA LYS A 305 1.48 -8.71 -27.11
C LYS A 305 1.96 -9.12 -28.51
N SER A 306 1.76 -8.25 -29.51
CA SER A 306 2.21 -8.46 -30.92
C SER A 306 2.35 -7.13 -31.65
N ARG A 307 1.23 -6.40 -31.81
CA ARG A 307 1.07 -5.32 -32.82
C ARG A 307 2.45 -4.69 -33.09
N LEU A 308 3.04 -4.06 -32.07
CA LEU A 308 4.29 -3.26 -32.20
C LEU A 308 5.50 -4.17 -31.97
N GLU A 309 6.67 -3.85 -32.55
CA GLU A 309 7.94 -4.63 -32.34
C GLU A 309 8.71 -4.08 -31.13
N LEU A 310 9.62 -4.89 -30.56
CA LEU A 310 10.00 -4.83 -29.13
C LEU A 310 10.14 -3.36 -28.71
N HIS A 311 10.86 -2.56 -29.51
CA HIS A 311 11.20 -1.15 -29.19
C HIS A 311 9.90 -0.36 -28.93
N ASP A 312 8.97 -0.35 -29.89
CA ASP A 312 7.70 0.43 -29.79
C ASP A 312 6.79 -0.22 -28.73
N ALA A 313 6.73 -1.55 -28.67
CA ALA A 313 6.11 -2.29 -27.54
C ALA A 313 6.53 -1.58 -26.26
N CYS A 314 7.76 -1.89 -25.81
CA CYS A 314 8.41 -1.40 -24.58
C CYS A 314 8.26 0.10 -24.46
N LYS A 315 8.38 0.80 -25.59
CA LYS A 315 8.24 2.28 -25.68
C LYS A 315 6.87 2.71 -25.15
N ALA A 316 5.81 1.96 -25.49
CA ALA A 316 4.42 2.20 -25.05
C ALA A 316 4.31 2.05 -23.53
N LEU A 317 4.72 0.88 -23.03
CA LEU A 317 4.70 0.46 -21.61
C LEU A 317 5.34 1.56 -20.75
N ALA A 318 6.34 2.27 -21.30
CA ALA A 318 7.15 3.26 -20.57
C ALA A 318 6.34 4.56 -20.39
N ASP A 319 5.33 4.80 -21.20
CA ASP A 319 4.37 5.90 -20.90
C ASP A 319 3.69 5.58 -19.56
N HIS A 320 3.55 4.31 -19.23
CA HIS A 320 2.76 3.81 -18.05
C HIS A 320 3.69 3.44 -16.87
N PHE A 321 4.83 2.78 -17.15
CA PHE A 321 5.74 2.16 -16.14
C PHE A 321 6.93 3.05 -15.83
N GLY A 322 7.28 3.97 -16.73
CA GLY A 322 8.29 5.01 -16.49
C GLY A 322 9.61 4.69 -17.16
N SER A 323 10.57 5.56 -16.98
CA SER A 323 11.84 5.55 -17.76
C SER A 323 12.77 4.45 -17.24
N GLU A 324 12.36 3.67 -16.23
CA GLU A 324 13.11 2.45 -15.79
C GLU A 324 12.56 1.21 -16.50
N PHE A 325 11.44 1.31 -17.20
CA PHE A 325 11.02 0.18 -18.07
C PHE A 325 12.07 0.11 -19.16
N PRO A 326 12.77 -1.05 -19.30
CA PRO A 326 13.84 -1.19 -20.29
C PRO A 326 13.22 -1.09 -21.69
N VAL A 327 13.81 -0.24 -22.54
CA VAL A 327 13.45 -0.11 -23.97
C VAL A 327 14.70 -0.45 -24.77
N PRO A 328 14.67 -1.50 -25.60
CA PRO A 328 15.76 -1.74 -26.54
C PRO A 328 15.77 -0.65 -27.61
N GLU A 329 16.96 -0.29 -28.11
CA GLU A 329 17.13 0.66 -29.24
C GLU A 329 16.52 0.04 -30.50
N LYS A 330 15.96 0.85 -31.41
CA LYS A 330 15.43 0.36 -32.71
C LYS A 330 16.54 0.44 -33.76
#